data_1SMP
#
_entry.id   1SMP
#
_cell.length_a   108.830
_cell.length_b   108.830
_cell.length_c   87.950
_cell.angle_alpha   90.00
_cell.angle_beta   90.00
_cell.angle_gamma   90.00
#
_symmetry.space_group_name_H-M   'P 43'
#
loop_
_entity.id
_entity.type
_entity.pdbx_description
1 polymer 'SERRATIA METALLO PROTEINASE'
2 polymer 'ERWINIA CHRYSANTHEMI INHIBITOR'
3 non-polymer 'ZINC ION'
4 non-polymer 'CALCIUM ION'
5 water water
#
loop_
_entity_poly.entity_id
_entity_poly.type
_entity_poly.pdbx_seq_one_letter_code
_entity_poly.pdbx_strand_id
1 'polypeptide(L)'
;AATTGYDAVDDLLHYHERGNGIQINGKDSFSNEQAGLFITRENQTWNGYKVFGQPVKLTFSFPDYKFSSTNVAGDTGLSK
FSAEQQQQAKLSLQSWADVANITFTEVAAGQKANITFGNYSQDRPGHYDYGTQAYAFLPNTIWQGQDLGGQTWYNVNQSN
VKHPATEDYGRQTFTHEIGHALGLSHPGDYNAGEGNPTYNDVTYAEDTRQFSLMSYWSETNTGGDNGGHYAAAPLLDDIA
AIQHLYGANLSTRTGDTVYGFNSNTGRDFLSTTSNSQKVIFAAWDAGGNDTFDFSGYTANQRINLNEKSFSDVGGLKGNV
SIAAGVTIENAIGGSGNDVIVGNAANNVLKGGAGNDVLFGGGGADELWGGAGKDIFVFSAASDSAPGASDWIRDFQKGID
KIDLSFFNKEANSSDFIHFVDHFSGTAGEALLSYNASSNVTDLSVNIGGHQAPDFLVKIVGQVDVATDFIV
;
A
2 'polypeptide(L)'
;SSLRLPSAAELSGQWVLSGAEQHCDIRLNTDVLDGTTWKLAGDTACLQKLLPEAPVGWRPTPDGLTLTQADGSAVAFFSR
NRDRYEHKLVDGSVRTLKKKA
;
I
#
loop_
_chem_comp.id
_chem_comp.type
_chem_comp.name
_chem_comp.formula
CA non-polymer 'CALCIUM ION' 'Ca 2'
ZN non-polymer 'ZINC ION' 'Zn 2'
#
# COMPACT_ATOMS: atom_id res chain seq x y z
N THR A 4 26.60 2.70 -0.55
CA THR A 4 26.53 3.74 0.52
C THR A 4 25.13 3.78 1.12
N GLY A 5 24.98 4.43 2.26
CA GLY A 5 23.66 4.56 2.87
C GLY A 5 22.84 5.50 2.00
N TYR A 6 23.51 6.41 1.30
CA TYR A 6 22.82 7.35 0.42
C TYR A 6 22.12 6.67 -0.75
N ASP A 7 22.75 5.66 -1.33
CA ASP A 7 22.15 4.95 -2.45
C ASP A 7 20.79 4.37 -2.05
N ALA A 8 20.73 3.75 -0.88
CA ALA A 8 19.51 3.15 -0.36
C ALA A 8 18.40 4.21 -0.31
N VAL A 9 18.73 5.36 0.26
CA VAL A 9 17.80 6.45 0.39
C VAL A 9 17.30 6.90 -1.00
N ASP A 10 18.24 7.01 -1.94
CA ASP A 10 17.95 7.43 -3.29
C ASP A 10 16.98 6.47 -3.99
N ASP A 11 17.22 5.17 -3.85
CA ASP A 11 16.34 4.17 -4.45
C ASP A 11 14.93 4.36 -3.94
N LEU A 12 14.78 4.45 -2.62
CA LEU A 12 13.47 4.62 -2.00
C LEU A 12 12.74 5.90 -2.40
N LEU A 13 13.48 6.97 -2.67
CA LEU A 13 12.86 8.24 -3.07
C LEU A 13 12.41 8.24 -4.53
N HIS A 14 12.85 7.26 -5.31
CA HIS A 14 12.47 7.16 -6.72
C HIS A 14 11.65 5.90 -6.99
N TYR A 15 11.09 5.33 -5.93
CA TYR A 15 10.27 4.13 -5.96
C TYR A 15 8.90 4.55 -6.46
N HIS A 16 8.41 3.89 -7.50
CA HIS A 16 7.08 4.17 -8.04
C HIS A 16 6.82 5.59 -8.44
N GLU A 17 7.66 6.12 -9.32
CA GLU A 17 7.42 7.47 -9.82
C GLU A 17 6.26 7.35 -10.79
N ARG A 18 5.45 8.39 -10.91
CA ARG A 18 4.31 8.31 -11.79
C ARG A 18 3.99 9.62 -12.49
N GLY A 19 3.10 9.54 -13.48
CA GLY A 19 2.69 10.70 -14.24
C GLY A 19 3.86 11.18 -15.07
N ASN A 20 3.78 12.42 -15.53
CA ASN A 20 4.86 13.04 -16.32
C ASN A 20 5.34 12.26 -17.53
N GLY A 21 4.42 11.84 -18.38
CA GLY A 21 4.81 11.11 -19.58
C GLY A 21 5.52 9.78 -19.42
N ILE A 22 5.55 9.26 -18.20
CA ILE A 22 6.17 7.97 -17.93
C ILE A 22 5.27 6.92 -18.59
N GLN A 23 5.86 5.80 -18.99
CA GLN A 23 5.14 4.70 -19.60
C GLN A 23 5.51 3.49 -18.78
N ILE A 24 4.51 2.76 -18.31
CA ILE A 24 4.75 1.58 -17.50
C ILE A 24 3.85 0.47 -18.00
N ASN A 25 4.41 -0.72 -18.15
CA ASN A 25 3.65 -1.89 -18.61
C ASN A 25 2.97 -1.59 -19.95
N GLY A 26 3.56 -0.67 -20.71
CA GLY A 26 3.03 -0.28 -22.00
C GLY A 26 1.84 0.64 -21.92
N LYS A 27 1.59 1.19 -20.74
CA LYS A 27 0.46 2.06 -20.54
C LYS A 27 0.92 3.39 -20.01
N ASP A 28 0.14 4.43 -20.23
CA ASP A 28 0.49 5.73 -19.71
C ASP A 28 0.45 5.64 -18.21
N SER A 29 1.26 6.47 -17.58
CA SER A 29 1.30 6.53 -16.14
C SER A 29 0.51 7.76 -15.72
N PHE A 30 -0.46 7.58 -14.83
CA PHE A 30 -1.26 8.69 -14.34
C PHE A 30 -0.75 9.03 -12.96
N SER A 31 -0.87 10.29 -12.60
CA SER A 31 -0.48 10.75 -11.30
C SER A 31 -1.65 10.52 -10.35
N ASN A 32 -1.40 10.70 -9.06
CA ASN A 32 -2.42 10.52 -8.05
C ASN A 32 -3.65 11.35 -8.40
N GLU A 33 -3.43 12.59 -8.82
CA GLU A 33 -4.55 13.45 -9.17
C GLU A 33 -5.31 13.02 -10.42
N GLN A 34 -4.59 12.60 -11.45
CA GLN A 34 -5.24 12.17 -12.67
C GLN A 34 -6.05 10.92 -12.44
N ALA A 35 -5.48 9.97 -11.72
CA ALA A 35 -6.15 8.72 -11.42
C ALA A 35 -7.43 8.97 -10.64
N GLY A 36 -7.38 9.93 -9.72
CA GLY A 36 -8.55 10.27 -8.93
C GLY A 36 -9.69 10.80 -9.77
N LEU A 37 -9.36 11.68 -10.71
CA LEU A 37 -10.38 12.24 -11.58
C LEU A 37 -10.91 11.18 -12.54
N PHE A 38 -10.06 10.29 -13.01
CA PHE A 38 -10.48 9.26 -13.94
C PHE A 38 -11.44 8.25 -13.33
N ILE A 39 -11.21 7.90 -12.06
CA ILE A 39 -12.05 6.96 -11.36
C ILE A 39 -13.46 7.56 -11.17
N THR A 40 -13.56 8.88 -11.25
CA THR A 40 -14.83 9.56 -11.09
C THR A 40 -15.37 10.10 -12.42
N ARG A 41 -14.96 9.48 -13.52
CA ARG A 41 -15.36 9.93 -14.85
C ARG A 41 -16.85 9.96 -15.16
N GLU A 42 -17.65 9.19 -14.42
CA GLU A 42 -19.09 9.18 -14.62
C GLU A 42 -19.75 10.49 -14.18
N ASN A 43 -19.05 11.27 -13.37
CA ASN A 43 -19.54 12.56 -12.88
C ASN A 43 -20.83 12.51 -12.09
N GLN A 44 -21.19 11.32 -11.59
CA GLN A 44 -22.42 11.13 -10.82
C GLN A 44 -22.20 11.10 -9.32
N THR A 45 -22.79 12.05 -8.60
CA THR A 45 -22.63 12.07 -7.15
C THR A 45 -24.01 12.18 -6.49
N TRP A 46 -24.06 11.90 -5.19
CA TRP A 46 -25.30 12.00 -4.45
C TRP A 46 -25.79 13.44 -4.35
N ASN A 47 -24.94 14.40 -4.73
CA ASN A 47 -25.35 15.81 -4.70
C ASN A 47 -25.83 16.30 -6.06
N GLY A 48 -25.78 15.42 -7.06
CA GLY A 48 -26.22 15.79 -8.38
C GLY A 48 -25.15 15.51 -9.41
N TYR A 49 -25.54 15.60 -10.67
CA TYR A 49 -24.63 15.37 -11.79
C TYR A 49 -23.61 16.52 -11.81
N LYS A 50 -22.34 16.17 -11.78
CA LYS A 50 -21.27 17.15 -11.80
C LYS A 50 -21.20 18.11 -10.62
N VAL A 51 -21.82 17.75 -9.49
CA VAL A 51 -21.74 18.60 -8.31
C VAL A 51 -20.64 17.99 -7.44
N PHE A 52 -19.47 18.61 -7.48
CA PHE A 52 -18.31 18.11 -6.77
C PHE A 52 -17.88 18.92 -5.54
N GLY A 53 -17.26 18.22 -4.59
CA GLY A 53 -16.73 18.84 -3.39
C GLY A 53 -17.66 19.24 -2.27
N GLN A 54 -18.92 18.83 -2.35
CA GLN A 54 -19.87 19.16 -1.30
C GLN A 54 -19.98 17.97 -0.39
N PRO A 55 -20.18 18.22 0.91
CA PRO A 55 -20.32 17.10 1.85
C PRO A 55 -21.68 16.45 1.59
N VAL A 56 -21.90 15.27 2.18
CA VAL A 56 -23.15 14.57 1.97
C VAL A 56 -23.46 13.70 3.19
N LYS A 57 -24.74 13.50 3.45
CA LYS A 57 -25.17 12.65 4.56
C LYS A 57 -26.14 11.65 3.96
N LEU A 58 -25.77 10.38 4.05
CA LEU A 58 -26.55 9.31 3.49
C LEU A 58 -27.08 8.37 4.55
N THR A 59 -28.15 7.67 4.20
CA THR A 59 -28.74 6.68 5.09
C THR A 59 -28.43 5.33 4.44
N PHE A 60 -28.44 4.28 5.23
CA PHE A 60 -28.20 2.95 4.71
C PHE A 60 -29.00 1.96 5.55
N SER A 61 -29.31 0.80 4.97
CA SER A 61 -30.05 -0.22 5.70
C SER A 61 -29.79 -1.58 5.12
N PHE A 62 -30.21 -2.60 5.87
CA PHE A 62 -30.04 -3.98 5.45
C PHE A 62 -31.47 -4.51 5.41
N PRO A 63 -32.16 -4.32 4.27
CA PRO A 63 -33.55 -4.79 4.09
C PRO A 63 -33.74 -6.27 4.27
N ASP A 64 -34.96 -6.62 4.67
CA ASP A 64 -35.32 -7.99 4.90
C ASP A 64 -35.85 -8.59 3.62
N TYR A 65 -34.96 -8.96 2.71
CA TYR A 65 -35.36 -9.52 1.43
C TYR A 65 -35.94 -10.91 1.57
N LYS A 66 -37.04 -11.19 0.87
CA LYS A 66 -37.63 -12.52 0.93
C LYS A 66 -36.98 -13.36 -0.14
N PHE A 67 -36.61 -14.58 0.22
CA PHE A 67 -35.92 -15.51 -0.66
C PHE A 67 -36.42 -15.60 -2.09
N SER A 68 -37.73 -15.61 -2.28
CA SER A 68 -38.29 -15.73 -3.61
C SER A 68 -38.46 -14.47 -4.43
N SER A 69 -38.08 -13.31 -3.88
CA SER A 69 -38.17 -12.08 -4.64
C SER A 69 -37.08 -12.11 -5.71
N THR A 70 -37.12 -11.14 -6.60
CA THR A 70 -36.15 -11.01 -7.67
C THR A 70 -35.82 -9.55 -7.67
N ASN A 71 -34.54 -9.21 -7.79
CA ASN A 71 -34.14 -7.80 -7.80
C ASN A 71 -34.13 -7.26 -9.24
N VAL A 72 -33.86 -5.97 -9.41
CA VAL A 72 -33.84 -5.37 -10.75
C VAL A 72 -32.92 -6.08 -11.71
N ALA A 73 -31.85 -6.69 -11.22
CA ALA A 73 -30.91 -7.40 -12.08
C ALA A 73 -31.38 -8.79 -12.45
N GLY A 74 -32.56 -9.18 -11.96
CA GLY A 74 -33.08 -10.50 -12.28
C GLY A 74 -32.51 -11.62 -11.42
N ASP A 75 -31.94 -11.26 -10.27
CA ASP A 75 -31.38 -12.26 -9.37
C ASP A 75 -32.39 -12.58 -8.28
N THR A 76 -32.35 -13.81 -7.79
CA THR A 76 -33.27 -14.27 -6.77
C THR A 76 -32.53 -15.08 -5.70
N GLY A 77 -33.27 -15.65 -4.74
CA GLY A 77 -32.65 -16.41 -3.68
C GLY A 77 -32.00 -15.40 -2.76
N LEU A 78 -32.73 -14.31 -2.51
CA LEU A 78 -32.30 -13.18 -1.71
C LEU A 78 -32.33 -13.40 -0.20
N SER A 79 -31.71 -12.47 0.52
CA SER A 79 -31.67 -12.52 1.97
C SER A 79 -31.10 -11.25 2.56
N LYS A 80 -31.44 -11.00 3.82
CA LYS A 80 -30.98 -9.84 4.56
C LYS A 80 -29.55 -10.14 4.98
N PHE A 81 -28.74 -9.10 5.19
CA PHE A 81 -27.35 -9.28 5.63
C PHE A 81 -27.29 -9.89 7.03
N SER A 82 -26.44 -10.89 7.22
CA SER A 82 -26.29 -11.50 8.54
C SER A 82 -25.62 -10.48 9.45
N ALA A 83 -25.48 -10.83 10.72
CA ALA A 83 -24.86 -9.94 11.72
C ALA A 83 -23.39 -9.64 11.39
N GLU A 84 -22.66 -10.67 10.97
CA GLU A 84 -21.25 -10.54 10.60
C GLU A 84 -21.13 -9.60 9.41
N GLN A 85 -21.95 -9.84 8.38
CA GLN A 85 -21.94 -9.03 7.18
C GLN A 85 -22.27 -7.61 7.50
N GLN A 86 -23.24 -7.39 8.39
CA GLN A 86 -23.62 -6.05 8.80
C GLN A 86 -22.50 -5.34 9.55
N GLN A 87 -21.77 -6.10 10.37
CA GLN A 87 -20.65 -5.59 11.15
C GLN A 87 -19.56 -5.09 10.20
N GLN A 88 -19.13 -5.96 9.30
CA GLN A 88 -18.13 -5.62 8.32
C GLN A 88 -18.57 -4.51 7.37
N ALA A 89 -19.84 -4.51 6.96
CA ALA A 89 -20.33 -3.47 6.07
C ALA A 89 -20.25 -2.12 6.74
N LYS A 90 -20.48 -2.09 8.04
CA LYS A 90 -20.40 -0.83 8.78
C LYS A 90 -18.95 -0.34 8.92
N LEU A 91 -18.01 -1.26 8.92
CA LEU A 91 -16.60 -0.88 9.01
C LEU A 91 -16.13 -0.28 7.68
N SER A 92 -16.62 -0.83 6.57
CA SER A 92 -16.29 -0.32 5.23
C SER A 92 -16.89 1.06 5.04
N LEU A 93 -18.15 1.21 5.41
CA LEU A 93 -18.80 2.51 5.30
C LEU A 93 -18.00 3.58 6.03
N GLN A 94 -17.58 3.25 7.24
CA GLN A 94 -16.81 4.19 8.05
C GLN A 94 -15.49 4.62 7.41
N SER A 95 -14.77 3.68 6.79
CA SER A 95 -13.51 4.00 6.15
C SER A 95 -13.65 5.01 5.01
N TRP A 96 -14.84 5.08 4.40
CA TRP A 96 -15.08 6.06 3.35
C TRP A 96 -15.38 7.37 4.05
N ALA A 97 -16.11 7.28 5.15
CA ALA A 97 -16.47 8.46 5.91
C ALA A 97 -15.24 9.11 6.56
N ASP A 98 -14.23 8.30 6.84
CA ASP A 98 -12.98 8.78 7.44
C ASP A 98 -12.23 9.73 6.52
N VAL A 99 -12.22 9.41 5.23
CA VAL A 99 -11.48 10.22 4.25
C VAL A 99 -12.23 11.39 3.60
N ALA A 100 -13.52 11.26 3.40
CA ALA A 100 -14.30 12.34 2.78
C ALA A 100 -15.44 12.81 3.65
N ASN A 101 -16.03 13.94 3.31
CA ASN A 101 -17.13 14.48 4.09
C ASN A 101 -18.47 13.80 3.82
N ILE A 102 -18.58 12.54 4.24
CA ILE A 102 -19.79 11.77 4.07
C ILE A 102 -20.28 11.41 5.46
N THR A 103 -21.59 11.49 5.67
CA THR A 103 -22.18 11.15 6.96
C THR A 103 -23.21 10.07 6.73
N PHE A 104 -22.99 8.87 7.25
CA PHE A 104 -23.92 7.75 7.09
C PHE A 104 -24.76 7.52 8.36
N THR A 105 -26.06 7.27 8.20
CA THR A 105 -26.92 6.97 9.34
C THR A 105 -27.83 5.83 8.93
N GLU A 106 -27.83 4.79 9.74
CA GLU A 106 -28.62 3.60 9.48
C GLU A 106 -30.09 3.83 9.77
N VAL A 107 -30.94 3.41 8.83
CA VAL A 107 -32.38 3.52 9.01
C VAL A 107 -32.86 2.09 9.15
N ALA A 108 -34.03 1.91 9.76
CA ALA A 108 -34.54 0.55 9.96
C ALA A 108 -34.86 -0.13 8.64
N ALA A 109 -34.71 -1.45 8.61
CA ALA A 109 -35.02 -2.21 7.42
C ALA A 109 -36.49 -1.92 7.12
N GLY A 110 -36.76 -1.30 5.98
CA GLY A 110 -38.14 -0.97 5.66
C GLY A 110 -38.29 0.51 5.42
N GLN A 111 -37.29 1.26 5.85
CA GLN A 111 -37.28 2.70 5.66
C GLN A 111 -36.51 2.90 4.35
N LYS A 112 -36.81 3.99 3.65
CA LYS A 112 -36.15 4.30 2.39
C LYS A 112 -34.73 4.76 2.72
N ALA A 113 -33.75 4.03 2.20
CA ALA A 113 -32.35 4.36 2.44
C ALA A 113 -31.66 4.59 1.11
N ASN A 114 -30.61 5.40 1.12
CA ASN A 114 -29.84 5.69 -0.08
C ASN A 114 -29.04 4.46 -0.48
N ILE A 115 -28.30 3.89 0.47
CA ILE A 115 -27.48 2.73 0.18
C ILE A 115 -28.06 1.51 0.88
N THR A 116 -28.15 0.39 0.17
CA THR A 116 -28.71 -0.80 0.79
C THR A 116 -27.84 -1.99 0.46
N PHE A 117 -27.91 -3.02 1.31
CA PHE A 117 -27.12 -4.23 1.12
C PHE A 117 -28.05 -5.45 1.15
N GLY A 118 -27.77 -6.43 0.29
CA GLY A 118 -28.57 -7.63 0.28
C GLY A 118 -27.81 -8.75 -0.39
N ASN A 119 -28.12 -10.00 -0.07
CA ASN A 119 -27.46 -11.14 -0.69
C ASN A 119 -28.38 -11.70 -1.75
N TYR A 120 -27.83 -12.50 -2.66
CA TYR A 120 -28.59 -13.18 -3.71
C TYR A 120 -27.82 -14.47 -3.88
N SER A 121 -28.49 -15.50 -4.36
CA SER A 121 -27.81 -16.77 -4.54
C SER A 121 -28.15 -17.48 -5.85
N GLN A 122 -29.13 -16.95 -6.58
CA GLN A 122 -29.58 -17.59 -7.82
C GLN A 122 -29.81 -16.63 -8.96
N ASP A 123 -29.43 -17.05 -10.16
CA ASP A 123 -29.61 -16.22 -11.34
C ASP A 123 -31.04 -16.36 -11.87
N ARG A 124 -31.71 -17.43 -11.45
CA ARG A 124 -33.09 -17.70 -11.80
C ARG A 124 -33.53 -18.83 -10.88
N PRO A 125 -34.82 -18.87 -10.51
CA PRO A 125 -35.40 -19.87 -9.62
C PRO A 125 -34.84 -21.27 -9.76
N GLY A 126 -34.39 -21.80 -8.64
CA GLY A 126 -33.83 -23.13 -8.61
C GLY A 126 -32.45 -23.24 -9.23
N HIS A 127 -31.89 -22.13 -9.69
CA HIS A 127 -30.55 -22.17 -10.30
C HIS A 127 -29.53 -21.33 -9.54
N TYR A 128 -28.63 -22.01 -8.84
CA TYR A 128 -27.59 -21.37 -8.07
C TYR A 128 -26.49 -20.76 -8.90
N ASP A 129 -26.16 -19.53 -8.56
CA ASP A 129 -25.14 -18.75 -9.24
C ASP A 129 -23.84 -18.84 -8.44
N TYR A 130 -22.92 -19.67 -8.91
CA TYR A 130 -21.63 -19.84 -8.26
C TYR A 130 -20.55 -19.06 -9.02
N GLY A 131 -20.96 -18.20 -9.94
CA GLY A 131 -19.97 -17.49 -10.73
C GLY A 131 -19.74 -16.02 -10.49
N THR A 132 -20.77 -15.29 -10.05
CA THR A 132 -20.61 -13.87 -9.83
C THR A 132 -20.19 -13.57 -8.40
N GLN A 133 -19.84 -12.32 -8.13
CA GLN A 133 -19.38 -11.95 -6.81
C GLN A 133 -20.24 -10.86 -6.20
N ALA A 134 -20.43 -9.76 -6.92
CA ALA A 134 -21.21 -8.66 -6.39
C ALA A 134 -21.38 -7.60 -7.46
N TYR A 135 -22.23 -6.61 -7.22
CA TYR A 135 -22.46 -5.53 -8.16
C TYR A 135 -23.20 -4.44 -7.44
N ALA A 136 -23.25 -3.26 -8.01
CA ALA A 136 -23.92 -2.13 -7.40
C ALA A 136 -24.28 -1.13 -8.47
N PHE A 137 -25.10 -0.15 -8.11
CA PHE A 137 -25.53 0.88 -9.04
C PHE A 137 -25.10 2.24 -8.50
N LEU A 138 -24.52 3.06 -9.38
CA LEU A 138 -24.04 4.39 -9.01
C LEU A 138 -25.22 5.29 -8.67
N PRO A 139 -24.98 6.38 -7.91
CA PRO A 139 -26.11 7.24 -7.59
C PRO A 139 -26.79 7.79 -8.83
N ASN A 140 -28.08 8.10 -8.70
CA ASN A 140 -28.86 8.66 -9.80
C ASN A 140 -28.99 7.77 -11.03
N THR A 141 -28.99 6.45 -10.85
CA THR A 141 -29.13 5.51 -11.96
C THR A 141 -30.60 5.21 -12.29
N ILE A 142 -31.19 5.96 -13.22
CA ILE A 142 -32.58 5.76 -13.64
C ILE A 142 -32.69 4.65 -14.69
N TRP A 143 -33.47 3.62 -14.41
CA TRP A 143 -33.66 2.50 -15.31
C TRP A 143 -35.15 2.16 -15.37
N GLN A 144 -35.72 2.26 -16.57
CA GLN A 144 -37.12 1.97 -16.78
C GLN A 144 -38.04 2.72 -15.83
N GLY A 145 -37.82 4.02 -15.72
CA GLY A 145 -38.65 4.85 -14.89
C GLY A 145 -38.40 4.85 -13.41
N GLN A 146 -37.46 4.04 -12.93
CA GLN A 146 -37.16 4.01 -11.50
C GLN A 146 -35.68 4.16 -11.18
N ASP A 147 -35.40 4.78 -10.04
CA ASP A 147 -34.04 5.02 -9.57
C ASP A 147 -33.47 3.74 -8.93
N LEU A 148 -32.28 3.32 -9.36
CA LEU A 148 -31.64 2.12 -8.82
C LEU A 148 -30.39 2.48 -8.03
N GLY A 149 -30.05 3.76 -8.02
CA GLY A 149 -28.84 4.21 -7.33
C GLY A 149 -28.69 3.83 -5.88
N GLY A 150 -27.51 3.33 -5.52
CA GLY A 150 -27.24 2.98 -4.13
C GLY A 150 -27.43 1.54 -3.73
N GLN A 151 -27.98 0.72 -4.62
CA GLN A 151 -28.17 -0.67 -4.30
C GLN A 151 -26.89 -1.42 -4.50
N THR A 152 -26.57 -2.29 -3.56
CA THR A 152 -25.38 -3.12 -3.69
C THR A 152 -25.89 -4.54 -3.43
N TRP A 153 -25.39 -5.48 -4.22
CA TRP A 153 -25.80 -6.86 -4.14
C TRP A 153 -24.60 -7.78 -4.09
N TYR A 154 -24.66 -8.81 -3.25
CA TYR A 154 -23.54 -9.75 -3.08
C TYR A 154 -23.96 -11.20 -3.20
N ASN A 155 -23.13 -12.00 -3.83
CA ASN A 155 -23.42 -13.41 -4.02
C ASN A 155 -22.98 -14.17 -2.77
N VAL A 156 -23.94 -14.48 -1.92
CA VAL A 156 -23.66 -15.16 -0.68
C VAL A 156 -23.22 -16.62 -0.81
N ASN A 157 -23.13 -17.13 -2.04
CA ASN A 157 -22.64 -18.49 -2.24
C ASN A 157 -21.12 -18.50 -2.11
N GLN A 158 -20.50 -17.32 -2.21
CA GLN A 158 -19.04 -17.19 -2.09
C GLN A 158 -18.71 -17.09 -0.60
N SER A 159 -17.85 -17.97 -0.10
CA SER A 159 -17.52 -17.96 1.31
C SER A 159 -17.08 -16.63 1.88
N ASN A 160 -16.27 -15.88 1.12
CA ASN A 160 -15.80 -14.59 1.59
C ASN A 160 -16.88 -13.56 1.71
N VAL A 161 -17.95 -13.69 0.92
CA VAL A 161 -19.05 -12.75 1.01
C VAL A 161 -19.88 -13.11 2.25
N LYS A 162 -19.95 -14.41 2.52
CA LYS A 162 -20.68 -14.91 3.66
C LYS A 162 -19.91 -14.65 4.94
N HIS A 163 -18.59 -14.69 4.87
CA HIS A 163 -17.72 -14.48 6.03
C HIS A 163 -16.69 -13.40 5.83
N PRO A 164 -17.15 -12.17 5.60
CA PRO A 164 -16.23 -11.05 5.39
C PRO A 164 -15.24 -10.79 6.51
N ALA A 165 -15.62 -11.11 7.74
CA ALA A 165 -14.76 -10.87 8.89
C ALA A 165 -13.52 -11.74 8.96
N THR A 166 -13.52 -12.88 8.28
CA THR A 166 -12.36 -13.75 8.31
C THR A 166 -11.71 -13.91 6.93
N GLU A 167 -12.34 -13.35 5.92
CA GLU A 167 -11.80 -13.42 4.58
C GLU A 167 -11.74 -12.02 4.05
N ASP A 168 -10.54 -11.45 4.03
CA ASP A 168 -10.38 -10.07 3.59
C ASP A 168 -10.87 -9.71 2.21
N TYR A 169 -10.97 -10.67 1.30
CA TYR A 169 -11.48 -10.36 -0.03
C TYR A 169 -12.95 -9.95 0.06
N GLY A 170 -13.67 -10.56 1.02
CA GLY A 170 -15.07 -10.23 1.21
C GLY A 170 -15.23 -8.83 1.73
N ARG A 171 -14.35 -8.46 2.67
CA ARG A 171 -14.37 -7.13 3.26
C ARG A 171 -14.02 -6.11 2.19
N GLN A 172 -13.05 -6.44 1.34
CA GLN A 172 -12.66 -5.54 0.24
C GLN A 172 -13.83 -5.39 -0.74
N THR A 173 -14.55 -6.49 -1.01
CA THR A 173 -15.69 -6.45 -1.91
C THR A 173 -16.74 -5.44 -1.41
N PHE A 174 -16.97 -5.41 -0.10
CA PHE A 174 -17.94 -4.48 0.47
C PHE A 174 -17.51 -3.02 0.26
N THR A 175 -16.24 -2.72 0.51
CA THR A 175 -15.72 -1.36 0.35
C THR A 175 -15.81 -0.90 -1.10
N HIS A 176 -15.45 -1.82 -2.00
CA HIS A 176 -15.48 -1.64 -3.44
C HIS A 176 -16.89 -1.34 -3.93
N GLU A 177 -17.85 -2.21 -3.63
CA GLU A 177 -19.23 -1.96 -4.06
C GLU A 177 -19.80 -0.68 -3.46
N ILE A 178 -19.37 -0.32 -2.25
CA ILE A 178 -19.82 0.92 -1.61
C ILE A 178 -19.21 2.10 -2.39
N GLY A 179 -18.01 1.88 -2.95
CA GLY A 179 -17.36 2.92 -3.74
C GLY A 179 -18.27 3.29 -4.91
N HIS A 180 -18.79 2.28 -5.58
CA HIS A 180 -19.71 2.46 -6.70
C HIS A 180 -20.96 3.20 -6.26
N ALA A 181 -21.56 2.73 -5.17
CA ALA A 181 -22.77 3.35 -4.63
C ALA A 181 -22.56 4.81 -4.29
N LEU A 182 -21.30 5.20 -4.06
CA LEU A 182 -20.95 6.59 -3.76
C LEU A 182 -20.66 7.41 -5.02
N GLY A 183 -20.36 6.73 -6.13
CA GLY A 183 -20.11 7.43 -7.38
C GLY A 183 -18.86 7.04 -8.14
N LEU A 184 -18.09 6.09 -7.61
CA LEU A 184 -16.86 5.70 -8.25
C LEU A 184 -17.02 4.62 -9.27
N SER A 185 -16.13 4.60 -10.26
CA SER A 185 -16.17 3.59 -11.32
C SER A 185 -14.88 2.80 -11.22
N HIS A 186 -14.75 1.76 -12.03
CA HIS A 186 -13.52 1.01 -12.05
C HIS A 186 -12.57 2.04 -12.70
N PRO A 187 -11.26 1.95 -12.43
CA PRO A 187 -10.34 2.92 -13.04
C PRO A 187 -10.19 2.74 -14.56
N GLY A 188 -10.81 1.69 -15.10
CA GLY A 188 -10.75 1.41 -16.52
C GLY A 188 -12.10 0.94 -16.97
N ASP A 189 -12.29 0.79 -18.27
CA ASP A 189 -13.58 0.32 -18.79
C ASP A 189 -13.61 -1.18 -18.99
N TYR A 190 -13.90 -1.88 -17.90
CA TYR A 190 -14.02 -3.33 -17.91
C TYR A 190 -15.05 -3.66 -16.84
N ASN A 191 -15.60 -4.87 -16.92
CA ASN A 191 -16.60 -5.30 -15.98
C ASN A 191 -16.55 -6.79 -15.88
N ALA A 192 -16.76 -7.30 -14.68
CA ALA A 192 -16.69 -8.73 -14.45
C ALA A 192 -17.68 -9.49 -15.33
N GLY A 193 -17.20 -10.58 -15.92
CA GLY A 193 -18.05 -11.38 -16.77
C GLY A 193 -18.30 -10.85 -18.17
N GLU A 194 -18.02 -9.57 -18.39
CA GLU A 194 -18.22 -9.03 -19.70
C GLU A 194 -17.02 -9.35 -20.56
N GLY A 195 -17.01 -10.59 -21.04
CA GLY A 195 -15.93 -11.05 -21.88
C GLY A 195 -14.76 -11.50 -21.04
N ASN A 196 -13.57 -11.30 -21.58
CA ASN A 196 -12.34 -11.65 -20.90
C ASN A 196 -11.53 -10.38 -20.61
N PRO A 197 -11.94 -9.62 -19.59
CA PRO A 197 -11.15 -8.42 -19.31
C PRO A 197 -9.84 -8.80 -18.63
N THR A 198 -8.76 -8.13 -19.00
CA THR A 198 -7.47 -8.40 -18.36
C THR A 198 -6.80 -7.05 -18.11
N TYR A 199 -5.67 -7.08 -17.43
CA TYR A 199 -4.90 -5.88 -17.13
C TYR A 199 -4.58 -5.12 -18.41
N ASN A 200 -4.60 -5.80 -19.55
CA ASN A 200 -4.34 -5.16 -20.84
C ASN A 200 -5.39 -4.15 -21.23
N ASP A 201 -6.56 -4.20 -20.59
CA ASP A 201 -7.63 -3.28 -20.92
C ASP A 201 -7.62 -2.00 -20.10
N VAL A 202 -6.58 -1.81 -19.28
CA VAL A 202 -6.53 -0.62 -18.45
C VAL A 202 -6.18 0.64 -19.23
N THR A 203 -6.59 1.78 -18.71
CA THR A 203 -6.30 3.07 -19.32
C THR A 203 -4.93 3.60 -18.89
N TYR A 204 -4.58 3.39 -17.63
CA TYR A 204 -3.29 3.82 -17.12
C TYR A 204 -2.66 2.67 -16.33
N ALA A 205 -1.33 2.65 -16.27
CA ALA A 205 -0.58 1.60 -15.59
C ALA A 205 -0.89 1.38 -14.11
N GLU A 206 -1.22 2.45 -13.39
CA GLU A 206 -1.51 2.36 -11.95
C GLU A 206 -2.88 1.78 -11.58
N ASP A 207 -3.53 1.16 -12.55
CA ASP A 207 -4.82 0.54 -12.35
C ASP A 207 -4.58 -0.86 -11.82
N THR A 208 -4.15 -0.94 -10.55
CA THR A 208 -3.91 -2.21 -9.87
C THR A 208 -4.38 -2.05 -8.42
N ARG A 209 -4.44 -3.17 -7.71
CA ARG A 209 -4.89 -3.19 -6.32
C ARG A 209 -3.90 -2.49 -5.40
N GLN A 210 -2.72 -2.15 -5.93
CA GLN A 210 -1.71 -1.44 -5.16
C GLN A 210 -2.13 0.02 -4.95
N PHE A 211 -2.85 0.56 -5.94
CA PHE A 211 -3.29 1.96 -5.91
C PHE A 211 -4.77 2.20 -5.65
N SER A 212 -5.61 1.22 -5.97
CA SER A 212 -7.05 1.40 -5.80
C SER A 212 -7.74 0.07 -5.61
N LEU A 213 -8.71 0.01 -4.70
CA LEU A 213 -9.44 -1.24 -4.50
C LEU A 213 -10.63 -1.30 -5.46
N MET A 214 -10.75 -0.28 -6.33
CA MET A 214 -11.79 -0.24 -7.37
C MET A 214 -11.27 -0.98 -8.60
N SER A 215 -9.99 -1.34 -8.57
CA SER A 215 -9.35 -2.05 -9.63
C SER A 215 -9.54 -3.56 -9.48
N TYR A 216 -9.44 -4.29 -10.57
CA TYR A 216 -9.58 -5.74 -10.56
C TYR A 216 -8.24 -6.43 -10.58
N TRP A 217 -7.19 -5.69 -10.90
CA TRP A 217 -5.87 -6.27 -11.11
C TRP A 217 -4.87 -6.33 -9.99
N SER A 218 -4.12 -7.44 -9.99
CA SER A 218 -3.12 -7.73 -8.99
C SER A 218 -2.15 -6.59 -8.79
N GLU A 219 -1.85 -6.32 -7.53
CA GLU A 219 -0.90 -5.28 -7.17
C GLU A 219 0.48 -5.62 -7.73
N THR A 220 0.73 -6.90 -7.98
CA THR A 220 2.00 -7.34 -8.53
C THR A 220 2.26 -6.81 -9.93
N ASN A 221 1.22 -6.35 -10.63
CA ASN A 221 1.41 -5.80 -11.98
C ASN A 221 2.28 -4.56 -11.96
N THR A 222 2.24 -3.82 -10.86
CA THR A 222 3.04 -2.62 -10.72
C THR A 222 4.22 -2.83 -9.75
N GLY A 223 4.37 -4.05 -9.23
CA GLY A 223 5.45 -4.34 -8.31
C GLY A 223 5.09 -4.52 -6.85
N GLY A 224 3.83 -4.28 -6.47
CA GLY A 224 3.43 -4.45 -5.10
C GLY A 224 3.34 -5.94 -4.79
N ASP A 225 3.16 -6.26 -3.52
CA ASP A 225 3.02 -7.66 -3.09
C ASP A 225 2.36 -7.55 -1.73
N ASN A 226 1.10 -7.97 -1.64
CA ASN A 226 0.35 -7.90 -0.39
C ASN A 226 0.21 -9.25 0.26
N GLY A 227 1.08 -10.17 -0.14
CA GLY A 227 1.10 -11.50 0.44
C GLY A 227 -0.16 -12.33 0.44
N GLY A 228 -1.10 -12.03 -0.44
CA GLY A 228 -2.32 -12.80 -0.49
C GLY A 228 -3.42 -12.13 0.29
N HIS A 229 -3.18 -10.89 0.73
CA HIS A 229 -4.16 -10.14 1.47
C HIS A 229 -4.72 -9.08 0.57
N TYR A 230 -5.83 -8.48 0.99
CA TYR A 230 -6.51 -7.45 0.22
C TYR A 230 -6.79 -6.28 1.14
N ALA A 231 -6.47 -5.07 0.70
CA ALA A 231 -6.71 -3.89 1.51
C ALA A 231 -8.19 -3.86 1.88
N ALA A 232 -8.51 -3.35 3.06
CA ALA A 232 -9.89 -3.29 3.51
C ALA A 232 -10.46 -1.89 3.34
N ALA A 233 -9.62 -0.87 3.26
CA ALA A 233 -10.12 0.49 3.13
C ALA A 233 -9.58 1.19 1.91
N PRO A 234 -10.17 2.33 1.50
CA PRO A 234 -9.71 3.06 0.33
C PRO A 234 -8.21 3.33 0.23
N LEU A 235 -7.64 2.95 -0.91
CA LEU A 235 -6.23 3.13 -1.17
C LEU A 235 -5.91 4.54 -1.69
N LEU A 236 -4.64 4.78 -1.98
CA LEU A 236 -4.19 6.09 -2.43
C LEU A 236 -5.06 6.79 -3.49
N ASP A 237 -5.27 6.15 -4.64
CA ASP A 237 -6.07 6.77 -5.70
C ASP A 237 -7.55 6.85 -5.35
N ASP A 238 -7.99 5.96 -4.48
CA ASP A 238 -9.38 5.94 -4.03
C ASP A 238 -9.66 7.19 -3.23
N ILE A 239 -8.73 7.52 -2.35
CA ILE A 239 -8.84 8.71 -1.50
C ILE A 239 -8.94 9.97 -2.34
N ALA A 240 -8.13 10.04 -3.39
CA ALA A 240 -8.15 11.19 -4.29
C ALA A 240 -9.49 11.29 -4.98
N ALA A 241 -9.99 10.15 -5.46
CA ALA A 241 -11.27 10.10 -6.16
C ALA A 241 -12.41 10.57 -5.25
N ILE A 242 -12.52 9.96 -4.07
CA ILE A 242 -13.60 10.31 -3.16
C ILE A 242 -13.52 11.72 -2.59
N GLN A 243 -12.31 12.21 -2.35
CA GLN A 243 -12.19 13.55 -1.81
C GLN A 243 -12.60 14.57 -2.86
N HIS A 244 -12.43 14.21 -4.13
CA HIS A 244 -12.82 15.09 -5.21
C HIS A 244 -14.35 15.23 -5.22
N LEU A 245 -15.05 14.12 -4.98
CA LEU A 245 -16.51 14.12 -4.98
C LEU A 245 -17.17 14.80 -3.79
N TYR A 246 -16.70 14.50 -2.58
CA TYR A 246 -17.33 15.08 -1.41
C TYR A 246 -16.44 15.86 -0.46
N GLY A 247 -15.22 16.15 -0.89
CA GLY A 247 -14.30 16.91 -0.05
C GLY A 247 -13.48 16.08 0.92
N ALA A 248 -12.35 16.63 1.33
CA ALA A 248 -11.47 15.96 2.27
C ALA A 248 -11.98 16.16 3.70
N ASN A 249 -11.97 15.08 4.48
CA ASN A 249 -12.42 15.15 5.85
C ASN A 249 -11.31 15.65 6.75
N LEU A 250 -11.35 16.94 7.04
CA LEU A 250 -10.32 17.55 7.87
C LEU A 250 -10.52 17.35 9.36
N SER A 251 -11.44 16.47 9.75
CA SER A 251 -11.68 16.23 11.16
C SER A 251 -11.14 14.89 11.54
N THR A 252 -10.65 14.14 10.58
CA THR A 252 -10.13 12.82 10.88
C THR A 252 -8.77 12.78 11.55
N ARG A 253 -8.73 12.07 12.68
CA ARG A 253 -7.54 11.86 13.49
C ARG A 253 -6.65 13.09 13.63
N THR A 254 -7.23 14.18 14.12
CA THR A 254 -6.48 15.41 14.28
C THR A 254 -5.57 15.44 15.51
N GLY A 255 -5.57 14.36 16.27
CA GLY A 255 -4.71 14.30 17.44
C GLY A 255 -3.40 13.61 17.09
N ASP A 256 -2.63 13.25 18.11
CA ASP A 256 -1.37 12.57 17.88
C ASP A 256 -1.71 11.12 17.69
N THR A 257 -1.64 10.68 16.43
CA THR A 257 -2.01 9.31 16.08
C THR A 257 -0.88 8.36 15.81
N VAL A 258 -1.04 7.11 16.23
CA VAL A 258 -0.05 6.05 16.02
C VAL A 258 -0.69 5.01 15.12
N TYR A 259 0.01 4.63 14.05
CA TYR A 259 -0.47 3.64 13.09
C TYR A 259 0.41 2.40 13.19
N GLY A 260 -0.17 1.24 12.97
CA GLY A 260 0.59 0.01 13.04
C GLY A 260 0.49 -0.56 14.44
N PHE A 261 1.63 -0.76 15.08
CA PHE A 261 1.64 -1.30 16.43
C PHE A 261 1.29 -0.21 17.42
N ASN A 262 0.70 -0.59 18.55
CA ASN A 262 0.32 0.36 19.59
C ASN A 262 -0.55 1.48 19.01
N SER A 263 -1.40 1.14 18.06
CA SER A 263 -2.23 2.15 17.43
C SER A 263 -3.33 2.67 18.33
N ASN A 264 -3.68 3.93 18.13
CA ASN A 264 -4.74 4.57 18.87
C ASN A 264 -5.75 5.09 17.83
N THR A 265 -5.84 4.39 16.71
CA THR A 265 -6.73 4.75 15.61
C THR A 265 -8.12 4.12 15.78
N GLY A 266 -8.17 2.93 16.37
CA GLY A 266 -9.44 2.27 16.54
C GLY A 266 -9.99 1.84 15.20
N ARG A 267 -9.09 1.49 14.29
CA ARG A 267 -9.43 1.03 12.95
C ARG A 267 -8.69 -0.26 12.78
N ASP A 268 -9.39 -1.31 12.41
CA ASP A 268 -8.74 -2.60 12.27
C ASP A 268 -7.67 -2.66 11.20
N PHE A 269 -7.87 -1.89 10.14
CA PHE A 269 -6.93 -1.91 9.02
C PHE A 269 -5.67 -1.05 9.25
N LEU A 270 -5.73 -0.15 10.22
CA LEU A 270 -4.58 0.71 10.54
C LEU A 270 -3.82 0.19 11.76
N SER A 271 -4.10 -1.03 12.19
CA SER A 271 -3.50 -1.57 13.40
C SER A 271 -3.05 -3.02 13.26
N THR A 272 -2.07 -3.40 14.07
CA THR A 272 -1.57 -4.76 14.13
C THR A 272 -1.11 -5.02 15.55
N THR A 273 -1.15 -6.27 15.98
CA THR A 273 -0.72 -6.61 17.32
C THR A 273 0.34 -7.69 17.24
N SER A 274 0.71 -8.10 16.03
CA SER A 274 1.72 -9.11 15.90
C SER A 274 2.42 -9.02 14.57
N ASN A 275 3.58 -9.66 14.50
CA ASN A 275 4.39 -9.68 13.31
C ASN A 275 3.60 -10.36 12.20
N SER A 276 2.75 -11.31 12.58
CA SER A 276 1.95 -12.07 11.62
C SER A 276 0.73 -11.34 11.05
N GLN A 277 0.34 -10.26 11.69
CA GLN A 277 -0.79 -9.50 11.22
C GLN A 277 -0.22 -8.36 10.38
N LYS A 278 -0.23 -8.53 9.06
CA LYS A 278 0.31 -7.52 8.15
C LYS A 278 -0.68 -6.39 7.94
N VAL A 279 -0.19 -5.18 7.70
CA VAL A 279 -1.08 -4.06 7.44
C VAL A 279 -0.96 -3.64 5.97
N ILE A 280 -2.03 -3.04 5.45
CA ILE A 280 -2.08 -2.55 4.08
C ILE A 280 -3.02 -1.36 4.17
N PHE A 281 -2.48 -0.16 3.97
CA PHE A 281 -3.34 1.00 4.07
C PHE A 281 -2.72 2.23 3.45
N ALA A 282 -3.57 3.23 3.24
CA ALA A 282 -3.15 4.52 2.72
C ALA A 282 -3.64 5.44 3.82
N ALA A 283 -2.70 6.08 4.49
CA ALA A 283 -3.00 6.95 5.62
C ALA A 283 -3.63 8.29 5.32
N TRP A 284 -4.73 8.58 6.01
CA TRP A 284 -5.37 9.88 5.90
C TRP A 284 -5.38 10.39 7.34
N ASP A 285 -4.77 11.54 7.57
CA ASP A 285 -4.68 12.11 8.91
C ASP A 285 -4.78 13.61 8.74
N ALA A 286 -5.60 14.27 9.55
CA ALA A 286 -5.77 15.71 9.40
C ALA A 286 -5.00 16.61 10.37
N GLY A 287 -4.25 16.03 11.30
CA GLY A 287 -3.51 16.85 12.21
C GLY A 287 -2.84 16.10 13.33
N GLY A 288 -1.96 16.81 14.05
CA GLY A 288 -1.26 16.23 15.17
C GLY A 288 0.12 15.69 14.87
N ASN A 289 0.74 15.11 15.90
CA ASN A 289 2.07 14.55 15.77
C ASN A 289 1.89 13.06 15.65
N ASP A 290 2.02 12.55 14.43
CA ASP A 290 1.77 11.15 14.17
C ASP A 290 2.97 10.27 14.04
N THR A 291 2.76 8.97 14.20
CA THR A 291 3.83 8.00 14.17
C THR A 291 3.49 6.70 13.43
N PHE A 292 4.37 6.26 12.54
CA PHE A 292 4.19 4.98 11.86
C PHE A 292 5.00 4.03 12.73
N ASP A 293 4.34 3.31 13.62
CA ASP A 293 5.04 2.38 14.50
C ASP A 293 5.06 0.98 13.89
N PHE A 294 6.20 0.59 13.33
CA PHE A 294 6.32 -0.72 12.73
C PHE A 294 7.36 -1.59 13.42
N SER A 295 7.53 -1.34 14.71
CA SER A 295 8.50 -2.03 15.57
C SER A 295 8.35 -3.53 15.74
N GLY A 296 7.12 -4.02 15.70
CA GLY A 296 6.89 -5.44 15.89
C GLY A 296 7.24 -6.33 14.74
N TYR A 297 7.54 -5.75 13.58
CA TYR A 297 7.88 -6.56 12.43
C TYR A 297 9.36 -6.91 12.41
N THR A 298 9.64 -8.14 12.01
CA THR A 298 11.00 -8.62 11.96
C THR A 298 11.61 -8.56 10.56
N ALA A 299 10.78 -8.26 9.57
CA ALA A 299 11.25 -8.18 8.18
C ALA A 299 11.99 -6.89 7.94
N ASN A 300 12.80 -6.85 6.89
CA ASN A 300 13.51 -5.63 6.56
C ASN A 300 12.44 -4.74 5.98
N GLN A 301 12.40 -3.48 6.41
CA GLN A 301 11.36 -2.58 5.94
C GLN A 301 11.96 -1.31 5.33
N ARG A 302 11.16 -0.61 4.54
CA ARG A 302 11.56 0.64 3.91
C ARG A 302 10.37 1.57 4.16
N ILE A 303 10.60 2.59 4.97
CA ILE A 303 9.55 3.51 5.34
C ILE A 303 9.87 4.89 4.80
N ASN A 304 8.93 5.46 4.04
CA ASN A 304 9.10 6.79 3.49
C ASN A 304 7.96 7.64 4.01
N LEU A 305 8.30 8.74 4.68
CA LEU A 305 7.28 9.61 5.26
C LEU A 305 6.85 10.75 4.37
N ASN A 306 7.16 10.67 3.09
CA ASN A 306 6.75 11.74 2.19
C ASN A 306 5.33 11.46 1.68
N GLU A 307 4.52 12.50 1.55
CA GLU A 307 3.16 12.31 1.08
C GLU A 307 3.19 11.70 -0.33
N LYS A 308 2.19 10.88 -0.58
CA LYS A 308 2.02 10.18 -1.84
C LYS A 308 3.08 9.13 -2.14
N SER A 309 3.89 8.76 -1.15
CA SER A 309 4.93 7.76 -1.36
C SER A 309 4.57 6.39 -0.80
N PHE A 310 5.29 5.36 -1.25
CA PHE A 310 5.07 3.99 -0.85
C PHE A 310 6.19 3.46 0.03
N SER A 311 5.83 2.57 0.95
CA SER A 311 6.78 1.96 1.87
C SER A 311 6.58 0.46 1.78
N ASP A 312 7.59 -0.31 2.13
CA ASP A 312 7.51 -1.76 2.11
C ASP A 312 7.48 -2.09 3.60
N VAL A 313 6.29 -2.40 4.11
CA VAL A 313 6.11 -2.68 5.52
C VAL A 313 5.70 -4.10 5.87
N GLY A 314 6.28 -4.58 6.96
CA GLY A 314 5.98 -5.91 7.46
C GLY A 314 6.24 -7.08 6.57
N GLY A 315 7.16 -6.93 5.62
CA GLY A 315 7.45 -8.05 4.73
C GLY A 315 6.69 -8.00 3.41
N LEU A 316 5.84 -6.99 3.24
CA LEU A 316 5.06 -6.81 2.03
C LEU A 316 5.75 -5.70 1.21
N LYS A 317 5.28 -5.46 -0.01
CA LYS A 317 5.84 -4.43 -0.88
C LYS A 317 4.77 -3.49 -1.34
N GLY A 318 5.07 -2.19 -1.27
CA GLY A 318 4.12 -1.18 -1.69
C GLY A 318 2.78 -1.31 -1.01
N ASN A 319 2.79 -1.76 0.24
CA ASN A 319 1.56 -1.94 1.02
C ASN A 319 1.13 -0.78 1.90
N VAL A 320 2.03 0.17 2.14
CA VAL A 320 1.69 1.32 2.96
C VAL A 320 1.98 2.58 2.17
N SER A 321 1.08 3.56 2.24
CA SER A 321 1.27 4.83 1.53
C SER A 321 0.67 5.96 2.37
N ILE A 322 0.99 7.18 2.00
CA ILE A 322 0.52 8.37 2.70
C ILE A 322 -0.23 9.23 1.67
N ALA A 323 -1.49 9.57 1.96
CA ALA A 323 -2.30 10.36 1.05
C ALA A 323 -1.68 11.73 0.83
N ALA A 324 -2.12 12.39 -0.21
CA ALA A 324 -1.62 13.71 -0.53
C ALA A 324 -2.09 14.70 0.52
N GLY A 325 -1.17 15.56 0.95
CA GLY A 325 -1.52 16.57 1.93
C GLY A 325 -1.43 16.12 3.37
N VAL A 326 -0.91 14.93 3.60
CA VAL A 326 -0.79 14.40 4.94
C VAL A 326 0.66 14.44 5.42
N THR A 327 0.86 14.82 6.68
CA THR A 327 2.18 14.87 7.26
C THR A 327 2.31 13.93 8.46
N ILE A 328 3.06 12.85 8.27
CA ILE A 328 3.31 11.90 9.33
C ILE A 328 4.71 12.32 9.81
N GLU A 329 4.90 12.45 11.12
CA GLU A 329 6.17 12.94 11.65
C GLU A 329 7.20 11.95 12.12
N ASN A 330 6.77 10.82 12.67
CA ASN A 330 7.75 9.89 13.21
C ASN A 330 7.57 8.52 12.62
N ALA A 331 8.62 7.72 12.70
CA ALA A 331 8.58 6.36 12.18
C ALA A 331 9.51 5.56 13.06
N ILE A 332 9.14 4.32 13.32
CA ILE A 332 9.92 3.42 14.15
C ILE A 332 10.05 2.11 13.39
N GLY A 333 11.29 1.75 13.04
CA GLY A 333 11.56 0.53 12.32
C GLY A 333 11.41 -0.68 13.24
N GLY A 334 11.61 -1.86 12.69
CA GLY A 334 11.48 -3.07 13.46
C GLY A 334 12.82 -3.69 13.65
N SER A 335 12.88 -5.00 13.88
CA SER A 335 14.16 -5.63 14.10
C SER A 335 14.96 -6.00 12.86
N GLY A 336 14.37 -5.75 11.68
CA GLY A 336 15.08 -6.05 10.46
C GLY A 336 15.92 -4.85 10.05
N ASN A 337 16.65 -4.99 8.96
CA ASN A 337 17.48 -3.91 8.47
C ASN A 337 16.56 -3.02 7.62
N ASP A 338 16.32 -1.82 8.10
CA ASP A 338 15.40 -0.89 7.44
C ASP A 338 16.01 0.36 6.81
N VAL A 339 15.23 1.02 5.97
CA VAL A 339 15.63 2.28 5.33
C VAL A 339 14.47 3.16 5.72
N ILE A 340 14.76 4.24 6.44
CA ILE A 340 13.72 5.14 6.92
C ILE A 340 14.05 6.52 6.46
N VAL A 341 13.14 7.11 5.70
CA VAL A 341 13.30 8.44 5.14
C VAL A 341 12.25 9.38 5.70
N GLY A 342 12.68 10.53 6.20
CA GLY A 342 11.76 11.49 6.73
C GLY A 342 11.35 12.46 5.64
N ASN A 343 10.64 13.50 6.04
CA ASN A 343 10.16 14.52 5.12
C ASN A 343 10.70 15.86 5.62
N ALA A 344 10.12 16.97 5.16
CA ALA A 344 10.59 18.30 5.56
C ALA A 344 10.20 18.73 6.97
N ALA A 345 9.48 17.88 7.68
CA ALA A 345 9.07 18.21 9.03
C ALA A 345 10.15 17.73 10.00
N ASN A 346 9.98 18.07 11.26
CA ASN A 346 10.91 17.65 12.29
C ASN A 346 10.45 16.24 12.62
N ASN A 347 11.30 15.26 12.35
CA ASN A 347 10.94 13.88 12.56
C ASN A 347 11.75 13.19 13.66
N VAL A 348 11.19 12.13 14.22
CA VAL A 348 11.88 11.32 15.19
C VAL A 348 11.89 9.98 14.47
N LEU A 349 13.06 9.52 14.07
CA LEU A 349 13.17 8.26 13.36
C LEU A 349 14.00 7.33 14.22
N LYS A 350 13.54 6.10 14.37
CA LYS A 350 14.25 5.14 15.18
C LYS A 350 14.38 3.88 14.37
N GLY A 351 15.60 3.39 14.22
CA GLY A 351 15.80 2.20 13.42
C GLY A 351 15.48 0.89 14.09
N GLY A 352 15.53 0.85 15.42
CA GLY A 352 15.28 -0.38 16.15
C GLY A 352 16.48 -1.28 15.94
N ALA A 353 16.33 -2.57 16.20
CA ALA A 353 17.44 -3.51 16.01
C ALA A 353 17.72 -3.66 14.54
N GLY A 354 18.79 -4.35 14.21
CA GLY A 354 19.15 -4.51 12.81
C GLY A 354 19.94 -3.30 12.36
N ASN A 355 20.54 -3.44 11.17
CA ASN A 355 21.36 -2.40 10.58
C ASN A 355 20.53 -1.54 9.66
N ASP A 356 20.17 -0.37 10.16
CA ASP A 356 19.31 0.56 9.44
C ASP A 356 20.03 1.73 8.80
N VAL A 357 19.31 2.44 7.94
CA VAL A 357 19.81 3.63 7.26
C VAL A 357 18.77 4.66 7.58
N LEU A 358 19.19 5.80 8.11
CA LEU A 358 18.24 6.83 8.48
C LEU A 358 18.59 8.12 7.78
N PHE A 359 17.58 8.79 7.28
CA PHE A 359 17.72 10.04 6.57
C PHE A 359 16.60 10.94 7.07
N GLY A 360 16.96 12.01 7.77
CA GLY A 360 15.95 12.89 8.32
C GLY A 360 15.39 13.91 7.36
N GLY A 361 16.13 14.23 6.32
CA GLY A 361 15.64 15.22 5.38
C GLY A 361 15.70 16.62 5.94
N GLY A 362 14.68 17.42 5.66
CA GLY A 362 14.67 18.79 6.15
C GLY A 362 14.13 18.93 7.55
N GLY A 363 14.34 20.11 8.14
CA GLY A 363 13.87 20.37 9.49
C GLY A 363 14.86 19.83 10.51
N ALA A 364 14.50 19.97 11.78
CA ALA A 364 15.33 19.51 12.89
C ALA A 364 14.89 18.13 13.32
N ASP A 365 15.62 17.12 12.89
CA ASP A 365 15.26 15.75 13.21
C ASP A 365 16.04 15.19 14.38
N GLU A 366 15.52 14.12 14.97
CA GLU A 366 16.12 13.43 16.08
C GLU A 366 16.20 12.02 15.58
N LEU A 367 17.41 11.48 15.49
CA LEU A 367 17.60 10.16 14.94
C LEU A 367 18.16 9.18 15.94
N TRP A 368 17.67 7.95 15.90
CA TRP A 368 18.12 6.89 16.79
C TRP A 368 18.39 5.66 15.95
N GLY A 369 19.63 5.19 15.95
CA GLY A 369 19.94 4.02 15.18
C GLY A 369 19.53 2.75 15.89
N GLY A 370 19.47 2.83 17.20
CA GLY A 370 19.12 1.68 18.02
C GLY A 370 20.27 0.70 17.96
N ALA A 371 20.00 -0.56 18.23
CA ALA A 371 21.03 -1.57 18.19
C ALA A 371 21.40 -1.84 16.73
N GLY A 372 22.56 -2.45 16.51
CA GLY A 372 23.02 -2.77 15.17
C GLY A 372 23.96 -1.71 14.63
N LYS A 373 24.49 -1.96 13.44
CA LYS A 373 25.39 -1.00 12.81
C LYS A 373 24.52 -0.15 11.90
N ASP A 374 24.21 1.07 12.33
CA ASP A 374 23.35 1.97 11.57
C ASP A 374 24.10 3.05 10.80
N ILE A 375 23.45 3.64 9.81
CA ILE A 375 24.06 4.70 8.99
C ILE A 375 23.14 5.92 9.02
N PHE A 376 23.70 7.10 9.27
CA PHE A 376 22.92 8.32 9.31
C PHE A 376 23.34 9.10 8.09
N VAL A 377 22.38 9.39 7.23
CA VAL A 377 22.64 10.05 5.95
C VAL A 377 22.28 11.53 5.88
N PHE A 378 23.18 12.32 5.27
CA PHE A 378 22.97 13.76 5.09
C PHE A 378 23.29 14.10 3.62
N SER A 379 22.55 15.06 3.08
CA SER A 379 22.74 15.42 1.68
C SER A 379 22.62 16.90 1.42
N ALA A 380 22.19 17.66 2.42
CA ALA A 380 22.07 19.10 2.26
C ALA A 380 22.45 19.83 3.55
N ALA A 381 23.12 20.98 3.40
CA ALA A 381 23.54 21.78 4.53
C ALA A 381 22.32 22.23 5.33
N SER A 382 21.26 22.62 4.63
CA SER A 382 20.02 23.04 5.29
C SER A 382 19.26 21.88 5.94
N ASP A 383 19.69 20.65 5.69
CA ASP A 383 19.07 19.46 6.30
C ASP A 383 19.21 19.71 7.80
N SER A 384 20.39 20.17 8.20
CA SER A 384 20.70 20.49 9.59
C SER A 384 21.60 21.70 9.64
N ALA A 385 20.99 22.87 9.78
CA ALA A 385 21.74 24.10 9.83
C ALA A 385 22.11 24.43 11.28
N PRO A 386 23.26 25.12 11.48
CA PRO A 386 23.69 25.50 12.82
C PRO A 386 22.57 26.31 13.41
N GLY A 387 22.17 25.95 14.62
CA GLY A 387 21.08 26.66 15.27
C GLY A 387 19.75 25.95 15.14
N ALA A 388 19.72 24.86 14.38
CA ALA A 388 18.50 24.08 14.18
C ALA A 388 18.94 22.76 13.57
N SER A 389 19.98 22.19 14.18
CA SER A 389 20.56 20.96 13.69
C SER A 389 19.84 19.68 14.08
N ASP A 390 20.23 18.61 13.39
CA ASP A 390 19.73 17.28 13.63
C ASP A 390 20.51 16.78 14.85
N TRP A 391 19.96 15.80 15.54
CA TRP A 391 20.61 15.22 16.68
C TRP A 391 20.67 13.74 16.47
N ILE A 392 21.83 13.14 16.65
CA ILE A 392 21.94 11.69 16.56
C ILE A 392 22.00 11.32 18.03
N ARG A 393 20.96 10.70 18.55
CA ARG A 393 20.87 10.38 19.97
C ARG A 393 21.53 9.13 20.55
N ASP A 394 22.17 8.30 19.74
CA ASP A 394 22.75 7.09 20.27
C ASP A 394 23.90 6.54 19.43
N PHE A 395 24.74 7.42 18.92
CA PHE A 395 25.84 6.99 18.08
C PHE A 395 26.79 6.07 18.82
N GLN A 396 27.23 5.02 18.13
CA GLN A 396 28.17 4.06 18.69
C GLN A 396 29.47 4.16 17.92
N LYS A 397 30.49 4.71 18.58
CA LYS A 397 31.81 4.88 18.01
C LYS A 397 32.34 3.55 17.51
N GLY A 398 32.76 3.52 16.25
CA GLY A 398 33.29 2.31 15.67
C GLY A 398 32.26 1.30 15.20
N ILE A 399 30.98 1.64 15.31
CA ILE A 399 29.92 0.74 14.86
C ILE A 399 29.03 1.46 13.87
N ASP A 400 28.48 2.60 14.28
CA ASP A 400 27.63 3.39 13.43
C ASP A 400 28.47 4.22 12.47
N LYS A 401 27.83 4.82 11.47
CA LYS A 401 28.54 5.63 10.51
C LYS A 401 27.72 6.83 10.10
N ILE A 402 28.41 7.89 9.72
CA ILE A 402 27.75 9.10 9.27
C ILE A 402 28.08 9.18 7.78
N ASP A 403 27.04 9.25 6.96
CA ASP A 403 27.19 9.29 5.52
C ASP A 403 27.16 10.70 4.96
N LEU A 404 28.33 11.15 4.50
CA LEU A 404 28.47 12.47 3.89
C LEU A 404 28.79 12.36 2.40
N SER A 405 28.86 11.13 1.88
CA SER A 405 29.21 10.90 0.47
C SER A 405 28.50 11.78 -0.57
N PHE A 406 27.24 12.10 -0.31
CA PHE A 406 26.52 12.93 -1.25
C PHE A 406 27.26 14.23 -1.59
N PHE A 407 27.70 14.97 -0.58
CA PHE A 407 28.39 16.24 -0.82
C PHE A 407 29.61 16.06 -1.72
N ASN A 408 30.24 14.90 -1.65
CA ASN A 408 31.39 14.61 -2.49
C ASN A 408 30.94 14.39 -3.92
N LYS A 409 29.98 13.48 -4.11
CA LYS A 409 29.44 13.17 -5.44
C LYS A 409 28.97 14.48 -6.09
N GLU A 410 28.26 15.28 -5.32
CA GLU A 410 27.74 16.55 -5.79
C GLU A 410 28.89 17.49 -6.14
N ALA A 411 29.96 17.44 -5.37
CA ALA A 411 31.11 18.30 -5.65
C ALA A 411 31.98 17.69 -6.76
N ASN A 412 31.54 16.53 -7.26
CA ASN A 412 32.24 15.81 -8.31
C ASN A 412 33.69 15.46 -7.93
N SER A 413 33.95 15.38 -6.62
CA SER A 413 35.28 15.07 -6.12
C SER A 413 35.20 14.31 -4.80
N SER A 414 36.03 13.30 -4.65
CA SER A 414 36.06 12.49 -3.42
C SER A 414 36.76 13.19 -2.27
N ASP A 415 37.79 13.97 -2.59
CA ASP A 415 38.54 14.69 -1.57
C ASP A 415 37.92 16.04 -1.22
N PHE A 416 36.68 16.27 -1.64
CA PHE A 416 36.00 17.52 -1.35
C PHE A 416 35.81 17.70 0.15
N ILE A 417 35.16 16.72 0.77
CA ILE A 417 34.96 16.76 2.21
C ILE A 417 36.31 16.39 2.81
N HIS A 418 36.81 17.23 3.70
CA HIS A 418 38.08 16.98 4.36
C HIS A 418 38.09 17.55 5.77
N PHE A 419 38.51 16.71 6.72
CA PHE A 419 38.58 17.10 8.11
C PHE A 419 39.82 17.93 8.42
N VAL A 420 39.58 19.07 9.05
CA VAL A 420 40.63 20.00 9.42
C VAL A 420 40.56 20.22 10.92
N ASP A 421 41.64 20.75 11.49
CA ASP A 421 41.66 21.02 12.93
C ASP A 421 41.29 22.48 13.18
N HIS A 422 41.22 23.27 12.12
CA HIS A 422 40.86 24.66 12.25
C HIS A 422 40.24 25.11 10.95
N PHE A 423 39.17 25.89 11.07
CA PHE A 423 38.48 26.38 9.89
C PHE A 423 39.24 27.52 9.23
N SER A 424 39.23 27.51 7.90
CA SER A 424 39.90 28.51 7.08
C SER A 424 38.87 29.30 6.29
N GLY A 425 37.66 28.76 6.20
CA GLY A 425 36.61 29.40 5.44
C GLY A 425 36.47 28.69 4.10
N THR A 426 37.34 27.69 3.90
CA THR A 426 37.38 26.88 2.69
C THR A 426 36.22 25.88 2.66
N ALA A 427 35.71 25.59 1.46
CA ALA A 427 34.61 24.65 1.29
C ALA A 427 35.02 23.20 1.50
N GLY A 428 34.10 22.40 2.01
CA GLY A 428 34.37 21.00 2.25
C GLY A 428 35.18 20.74 3.49
N GLU A 429 35.40 21.78 4.31
CA GLU A 429 36.16 21.62 5.54
C GLU A 429 35.24 21.07 6.62
N ALA A 430 35.62 19.95 7.20
CA ALA A 430 34.84 19.32 8.25
C ALA A 430 35.65 19.38 9.55
N LEU A 431 34.97 19.68 10.65
CA LEU A 431 35.63 19.81 11.93
C LEU A 431 34.85 19.07 13.03
N LEU A 432 35.49 18.08 13.63
CA LEU A 432 34.91 17.28 14.70
C LEU A 432 35.47 17.66 16.09
N SER A 433 34.61 18.01 17.05
CA SER A 433 35.07 18.35 18.41
C SER A 433 34.20 17.66 19.44
N TYR A 434 34.81 17.13 20.50
CA TYR A 434 34.04 16.45 21.54
C TYR A 434 33.86 17.28 22.81
N ASN A 435 32.65 17.25 23.34
CA ASN A 435 32.24 17.96 24.55
C ASN A 435 32.11 16.88 25.63
N ALA A 436 33.14 16.72 26.46
CA ALA A 436 33.12 15.70 27.51
C ALA A 436 32.10 15.96 28.61
N SER A 437 31.76 17.22 28.83
CA SER A 437 30.76 17.58 29.84
C SER A 437 29.40 16.99 29.51
N SER A 438 29.01 17.04 28.23
CA SER A 438 27.72 16.51 27.80
C SER A 438 27.81 15.21 27.02
N ASN A 439 29.01 14.78 26.68
CA ASN A 439 29.20 13.55 25.91
C ASN A 439 28.56 13.78 24.54
N VAL A 440 28.88 14.92 23.94
CA VAL A 440 28.35 15.30 22.65
C VAL A 440 29.46 15.64 21.69
N THR A 441 29.41 15.08 20.48
CA THR A 441 30.37 15.41 19.45
C THR A 441 29.68 16.40 18.53
N ASP A 442 30.36 17.48 18.19
CA ASP A 442 29.80 18.46 17.29
C ASP A 442 30.49 18.32 15.96
N LEU A 443 29.73 18.09 14.91
CA LEU A 443 30.29 17.96 13.57
C LEU A 443 29.90 19.20 12.78
N SER A 444 30.89 20.01 12.42
CA SER A 444 30.63 21.22 11.65
C SER A 444 31.21 21.00 10.26
N VAL A 445 30.49 21.42 9.23
CA VAL A 445 30.99 21.31 7.86
C VAL A 445 30.68 22.61 7.13
N ASN A 446 31.66 23.08 6.35
CA ASN A 446 31.48 24.30 5.57
C ASN A 446 31.32 23.90 4.11
N ILE A 447 30.08 23.61 3.74
CA ILE A 447 29.74 23.16 2.40
C ILE A 447 29.95 24.26 1.38
N GLY A 448 29.31 25.40 1.61
CA GLY A 448 29.41 26.50 0.68
C GLY A 448 30.58 27.43 0.87
N GLY A 449 31.63 26.98 1.57
CA GLY A 449 32.80 27.82 1.79
C GLY A 449 32.47 29.21 2.32
N HIS A 450 31.73 29.26 3.42
CA HIS A 450 31.35 30.54 4.02
C HIS A 450 32.30 30.90 5.15
N GLN A 451 32.06 32.06 5.76
CA GLN A 451 32.88 32.55 6.88
C GLN A 451 32.67 31.58 8.04
N ALA A 452 31.42 31.17 8.21
CA ALA A 452 30.99 30.25 9.23
C ALA A 452 30.42 29.01 8.55
N PRO A 453 30.56 27.83 9.18
CA PRO A 453 30.04 26.59 8.61
C PRO A 453 28.53 26.69 8.44
N ASP A 454 28.01 25.99 7.44
CA ASP A 454 26.57 26.02 7.16
C ASP A 454 25.87 24.69 7.43
N PHE A 455 26.62 23.72 7.92
CA PHE A 455 26.10 22.42 8.24
C PHE A 455 26.61 22.04 9.64
N LEU A 456 25.72 21.57 10.51
CA LEU A 456 26.09 21.15 11.86
C LEU A 456 25.24 19.98 12.36
N VAL A 457 25.90 18.95 12.87
CA VAL A 457 25.20 17.80 13.42
C VAL A 457 25.71 17.59 14.85
N LYS A 458 24.78 17.52 15.81
CA LYS A 458 25.13 17.29 17.20
C LYS A 458 24.88 15.81 17.42
N ILE A 459 25.92 15.11 17.86
CA ILE A 459 25.89 13.67 18.06
C ILE A 459 26.11 13.32 19.53
N VAL A 460 25.22 12.50 20.09
CA VAL A 460 25.39 12.07 21.47
C VAL A 460 26.29 10.86 21.40
N GLY A 461 27.53 11.04 21.88
CA GLY A 461 28.50 9.97 21.87
C GLY A 461 29.77 10.45 21.22
N GLN A 462 30.68 9.50 20.98
CA GLN A 462 31.95 9.80 20.36
C GLN A 462 32.01 9.19 18.98
N VAL A 463 32.77 9.83 18.10
CA VAL A 463 32.92 9.41 16.72
C VAL A 463 34.40 9.29 16.42
N ASP A 464 34.80 8.18 15.81
CA ASP A 464 36.19 7.99 15.43
C ASP A 464 36.27 8.38 13.95
N VAL A 465 36.97 9.46 13.61
CA VAL A 465 37.07 9.90 12.21
C VAL A 465 37.71 8.86 11.30
N ALA A 466 38.55 8.01 11.88
CA ALA A 466 39.21 6.99 11.12
C ALA A 466 38.30 5.85 10.70
N THR A 467 37.15 5.71 11.34
CA THR A 467 36.27 4.60 11.01
C THR A 467 34.77 4.87 10.93
N ASP A 468 34.34 6.01 11.44
CA ASP A 468 32.91 6.29 11.49
C ASP A 468 32.31 7.15 10.38
N PHE A 469 32.97 7.22 9.24
CA PHE A 469 32.45 8.03 8.14
C PHE A 469 32.37 7.35 6.77
N ILE A 470 31.39 7.77 5.97
CA ILE A 470 31.19 7.28 4.61
C ILE A 470 31.23 8.53 3.77
N VAL A 471 32.22 8.59 2.90
CA VAL A 471 32.41 9.74 2.00
C VAL A 471 32.61 9.23 0.58
N SER B 1 -19.52 -4.17 -9.25
CA SER B 1 -19.03 -5.32 -10.03
C SER B 1 -17.62 -5.65 -9.58
N SER B 2 -17.42 -6.92 -9.23
CA SER B 2 -16.15 -7.49 -8.74
C SER B 2 -15.98 -8.89 -9.30
N LEU B 3 -14.75 -9.40 -9.27
CA LEU B 3 -14.46 -10.74 -9.76
C LEU B 3 -14.51 -11.71 -8.60
N ARG B 4 -14.84 -12.96 -8.86
CA ARG B 4 -14.87 -13.92 -7.77
C ARG B 4 -13.46 -14.44 -7.53
N LEU B 5 -13.24 -14.93 -6.32
CA LEU B 5 -11.95 -15.47 -5.93
C LEU B 5 -12.06 -16.99 -5.91
N PRO B 6 -11.40 -17.66 -6.86
CA PRO B 6 -11.45 -19.12 -6.91
C PRO B 6 -10.83 -19.73 -5.64
N SER B 7 -11.16 -20.99 -5.39
CA SER B 7 -10.66 -21.68 -4.22
C SER B 7 -9.42 -22.47 -4.59
N ALA B 8 -8.54 -22.70 -3.62
CA ALA B 8 -7.34 -23.48 -3.89
C ALA B 8 -7.78 -24.81 -4.48
N ALA B 9 -8.84 -25.36 -3.90
CA ALA B 9 -9.43 -26.64 -4.32
C ALA B 9 -9.74 -26.75 -5.80
N GLU B 10 -10.43 -25.77 -6.36
CA GLU B 10 -10.76 -25.87 -7.78
C GLU B 10 -9.58 -25.68 -8.71
N LEU B 11 -8.51 -25.04 -8.25
CA LEU B 11 -7.34 -24.84 -9.09
C LEU B 11 -6.26 -25.86 -8.83
N SER B 12 -6.39 -26.64 -7.76
CA SER B 12 -5.38 -27.64 -7.45
C SER B 12 -5.36 -28.72 -8.52
N GLY B 13 -4.24 -29.43 -8.63
CA GLY B 13 -4.14 -30.47 -9.63
C GLY B 13 -2.81 -30.47 -10.35
N GLN B 14 -2.80 -31.05 -11.54
CA GLN B 14 -1.59 -31.13 -12.35
C GLN B 14 -1.50 -30.01 -13.34
N TRP B 15 -0.38 -29.29 -13.27
CA TRP B 15 -0.13 -28.16 -14.14
C TRP B 15 1.23 -28.30 -14.80
N VAL B 16 1.42 -27.57 -15.89
CA VAL B 16 2.68 -27.58 -16.60
C VAL B 16 3.13 -26.15 -16.80
N LEU B 17 4.35 -25.87 -16.37
CA LEU B 17 4.95 -24.54 -16.51
C LEU B 17 5.82 -24.65 -17.75
N SER B 18 5.44 -23.95 -18.81
CA SER B 18 6.19 -23.97 -20.06
C SER B 18 7.04 -22.74 -20.25
N GLY B 19 8.33 -22.94 -20.44
CA GLY B 19 9.23 -21.82 -20.62
C GLY B 19 9.87 -21.81 -21.99
N ALA B 20 11.18 -21.57 -22.01
CA ALA B 20 11.99 -21.52 -23.23
C ALA B 20 12.10 -22.95 -23.76
N GLU B 21 10.97 -23.48 -24.21
CA GLU B 21 10.82 -24.85 -24.70
C GLU B 21 10.78 -25.88 -23.56
N GLN B 22 11.36 -25.57 -22.39
CA GLN B 22 11.31 -26.50 -21.27
C GLN B 22 9.89 -26.53 -20.74
N HIS B 23 9.59 -27.56 -19.97
CA HIS B 23 8.28 -27.77 -19.36
C HIS B 23 8.53 -28.39 -18.02
N CYS B 24 7.89 -27.87 -16.99
CA CYS B 24 8.03 -28.44 -15.66
C CYS B 24 6.64 -28.88 -15.27
N ASP B 25 6.54 -30.08 -14.72
CA ASP B 25 5.26 -30.58 -14.26
C ASP B 25 5.24 -30.22 -12.81
N ILE B 26 4.20 -29.51 -12.39
CA ILE B 26 4.06 -29.13 -11.00
C ILE B 26 2.67 -29.52 -10.53
N ARG B 27 2.55 -29.81 -9.25
CA ARG B 27 1.27 -30.17 -8.69
C ARG B 27 0.93 -29.07 -7.71
N LEU B 28 -0.14 -28.34 -8.00
CA LEU B 28 -0.61 -27.29 -7.11
C LEU B 28 -1.51 -28.02 -6.11
N ASN B 29 -1.00 -28.18 -4.89
CA ASN B 29 -1.70 -28.90 -3.83
C ASN B 29 -2.58 -28.07 -2.93
N THR B 30 -3.43 -28.77 -2.17
CA THR B 30 -4.33 -28.11 -1.22
C THR B 30 -3.71 -28.09 0.17
N ASP B 31 -2.49 -28.62 0.27
CA ASP B 31 -1.77 -28.62 1.54
C ASP B 31 -1.55 -27.15 1.89
N VAL B 32 -1.63 -26.82 3.16
CA VAL B 32 -1.49 -25.44 3.58
C VAL B 32 -0.04 -25.06 3.82
N LEU B 33 0.38 -23.94 3.23
CA LEU B 33 1.73 -23.44 3.45
C LEU B 33 1.54 -22.45 4.62
N ASP B 34 0.60 -21.54 4.46
CA ASP B 34 0.26 -20.56 5.50
C ASP B 34 -1.18 -20.06 5.37
N GLY B 35 -1.51 -19.01 6.10
CA GLY B 35 -2.85 -18.47 6.07
C GLY B 35 -3.42 -18.12 4.71
N THR B 36 -2.58 -17.69 3.78
CA THR B 36 -3.06 -17.31 2.46
C THR B 36 -2.37 -18.07 1.35
N THR B 37 -1.65 -19.13 1.71
CA THR B 37 -0.89 -19.87 0.71
C THR B 37 -0.93 -21.38 0.90
N TRP B 38 -0.91 -22.10 -0.20
CA TRP B 38 -0.92 -23.56 -0.20
C TRP B 38 0.40 -24.09 -0.70
N LYS B 39 0.57 -25.40 -0.69
CA LYS B 39 1.82 -26.02 -1.14
C LYS B 39 1.86 -26.39 -2.61
N LEU B 40 3.07 -26.41 -3.15
CA LEU B 40 3.28 -26.74 -4.55
C LEU B 40 4.38 -27.78 -4.60
N ALA B 41 4.20 -28.78 -5.45
CA ALA B 41 5.19 -29.83 -5.59
C ALA B 41 5.76 -29.79 -7.00
N GLY B 42 7.08 -29.90 -7.10
CA GLY B 42 7.72 -29.88 -8.41
C GLY B 42 9.22 -29.99 -8.30
N ASP B 43 9.89 -30.15 -9.44
CA ASP B 43 11.33 -30.27 -9.48
C ASP B 43 11.96 -28.88 -9.44
N THR B 44 12.64 -28.57 -8.35
CA THR B 44 13.28 -27.27 -8.20
C THR B 44 14.26 -26.96 -9.34
N ALA B 45 15.03 -27.96 -9.75
CA ALA B 45 15.99 -27.80 -10.83
C ALA B 45 15.29 -27.21 -12.04
N CYS B 46 14.22 -27.88 -12.45
CA CYS B 46 13.43 -27.47 -13.58
C CYS B 46 12.89 -26.05 -13.39
N LEU B 47 12.33 -25.79 -12.21
CA LEU B 47 11.75 -24.50 -11.89
C LEU B 47 12.76 -23.37 -11.87
N GLN B 48 13.96 -23.66 -11.42
CA GLN B 48 15.01 -22.64 -11.37
C GLN B 48 15.35 -22.19 -12.77
N LYS B 49 15.29 -23.12 -13.71
CA LYS B 49 15.58 -22.81 -15.11
C LYS B 49 14.57 -21.87 -15.73
N LEU B 50 13.30 -22.05 -15.41
CA LEU B 50 12.27 -21.21 -15.98
C LEU B 50 11.88 -19.99 -15.15
N LEU B 51 12.19 -19.98 -13.86
CA LEU B 51 11.81 -18.84 -13.04
C LEU B 51 12.98 -18.33 -12.27
N PRO B 52 12.91 -17.09 -11.79
CA PRO B 52 14.00 -16.50 -11.02
C PRO B 52 14.32 -17.25 -9.73
N GLU B 53 13.50 -18.24 -9.41
CA GLU B 53 13.69 -19.01 -8.21
C GLU B 53 12.68 -20.13 -8.23
N ALA B 54 12.97 -21.22 -7.52
CA ALA B 54 12.04 -22.34 -7.44
C ALA B 54 11.03 -22.00 -6.34
N PRO B 55 9.76 -21.76 -6.72
CA PRO B 55 8.71 -21.43 -5.76
C PRO B 55 8.31 -22.67 -4.98
N VAL B 56 7.71 -22.48 -3.82
CA VAL B 56 7.28 -23.61 -3.01
C VAL B 56 5.79 -23.52 -2.68
N GLY B 57 5.20 -22.37 -2.96
CA GLY B 57 3.80 -22.19 -2.66
C GLY B 57 3.06 -21.57 -3.83
N TRP B 58 1.75 -21.41 -3.68
CA TRP B 58 0.91 -20.81 -4.70
C TRP B 58 -0.39 -20.37 -4.06
N ARG B 59 -1.19 -19.63 -4.79
CA ARG B 59 -2.48 -19.20 -4.29
C ARG B 59 -3.25 -18.60 -5.44
N PRO B 60 -4.58 -18.79 -5.45
CA PRO B 60 -5.34 -18.21 -6.55
C PRO B 60 -5.58 -16.76 -6.20
N THR B 61 -5.86 -15.95 -7.21
CA THR B 61 -6.22 -14.55 -6.97
C THR B 61 -7.41 -14.41 -7.90
N PRO B 62 -8.20 -13.33 -7.75
CA PRO B 62 -9.32 -13.26 -8.68
C PRO B 62 -8.95 -13.13 -10.17
N ASP B 63 -7.76 -12.61 -10.44
CA ASP B 63 -7.32 -12.40 -11.82
C ASP B 63 -6.20 -13.27 -12.32
N GLY B 64 -5.70 -14.16 -11.49
CA GLY B 64 -4.62 -14.99 -11.93
C GLY B 64 -4.22 -16.01 -10.90
N LEU B 65 -2.92 -16.23 -10.78
CA LEU B 65 -2.37 -17.23 -9.87
C LEU B 65 -0.97 -16.76 -9.42
N THR B 66 -0.64 -16.90 -8.15
CA THR B 66 0.66 -16.45 -7.65
C THR B 66 1.53 -17.59 -7.12
N LEU B 67 2.74 -17.70 -7.63
CA LEU B 67 3.71 -18.71 -7.17
C LEU B 67 4.60 -17.99 -6.14
N THR B 68 4.69 -18.55 -4.94
CA THR B 68 5.42 -17.88 -3.86
C THR B 68 6.64 -18.60 -3.29
N GLN B 69 7.31 -17.90 -2.39
CA GLN B 69 8.45 -18.43 -1.66
C GLN B 69 7.85 -19.03 -0.39
N ALA B 70 8.70 -19.70 0.39
CA ALA B 70 8.26 -20.34 1.64
C ALA B 70 7.57 -19.39 2.60
N ASP B 71 7.97 -18.13 2.59
CA ASP B 71 7.34 -17.17 3.48
C ASP B 71 6.17 -16.46 2.81
N GLY B 72 5.70 -17.00 1.69
CA GLY B 72 4.57 -16.40 1.00
C GLY B 72 4.79 -15.22 0.07
N SER B 73 5.99 -14.66 0.04
CA SER B 73 6.27 -13.53 -0.86
C SER B 73 6.28 -14.02 -2.31
N ALA B 74 5.77 -13.19 -3.20
CA ALA B 74 5.64 -13.50 -4.62
C ALA B 74 6.93 -13.75 -5.37
N VAL B 75 6.96 -14.83 -6.14
CA VAL B 75 8.10 -15.17 -6.99
C VAL B 75 7.67 -14.73 -8.40
N ALA B 76 6.47 -15.14 -8.79
CA ALA B 76 5.95 -14.79 -10.11
C ALA B 76 4.44 -14.90 -10.12
N PHE B 77 3.79 -13.86 -10.61
CA PHE B 77 2.34 -13.87 -10.71
C PHE B 77 1.98 -14.13 -12.17
N PHE B 78 1.02 -15.03 -12.38
CA PHE B 78 0.54 -15.40 -13.71
C PHE B 78 -0.91 -14.95 -13.92
N SER B 79 -1.11 -14.00 -14.82
CA SER B 79 -2.43 -13.49 -15.12
C SER B 79 -3.20 -14.50 -15.96
N ARG B 80 -4.51 -14.56 -15.76
CA ARG B 80 -5.34 -15.48 -16.51
C ARG B 80 -5.73 -14.89 -17.86
N ASN B 81 -5.29 -15.53 -18.92
CA ASN B 81 -5.65 -15.10 -20.26
C ASN B 81 -6.44 -16.22 -20.91
N ARG B 82 -7.74 -16.17 -20.71
CA ARG B 82 -8.65 -17.16 -21.25
C ARG B 82 -8.36 -18.53 -20.67
N ASP B 83 -7.61 -19.33 -21.42
CA ASP B 83 -7.29 -20.71 -21.04
C ASP B 83 -5.94 -20.91 -20.35
N ARG B 84 -5.09 -19.90 -20.36
CA ARG B 84 -3.78 -20.07 -19.74
C ARG B 84 -3.45 -18.91 -18.84
N TYR B 85 -2.44 -19.11 -18.01
CA TYR B 85 -1.98 -18.10 -17.09
C TYR B 85 -0.58 -17.78 -17.56
N GLU B 86 -0.27 -16.50 -17.75
CA GLU B 86 1.05 -16.13 -18.21
C GLU B 86 1.78 -15.07 -17.41
N HIS B 87 3.07 -15.26 -17.29
CA HIS B 87 3.94 -14.36 -16.55
C HIS B 87 5.10 -13.95 -17.46
N LYS B 88 5.51 -12.68 -17.38
CA LYS B 88 6.65 -12.14 -18.15
C LYS B 88 7.83 -11.86 -17.22
N LEU B 89 9.02 -12.26 -17.63
CA LEU B 89 10.21 -12.04 -16.82
C LEU B 89 10.71 -10.61 -16.94
N VAL B 90 11.76 -10.27 -16.20
CA VAL B 90 12.31 -8.92 -16.23
C VAL B 90 12.74 -8.54 -17.63
N ASP B 91 13.19 -9.53 -18.39
CA ASP B 91 13.63 -9.32 -19.77
C ASP B 91 12.48 -9.44 -20.77
N GLY B 92 11.27 -9.64 -20.28
CA GLY B 92 10.12 -9.77 -21.14
C GLY B 92 9.79 -11.18 -21.60
N SER B 93 10.57 -12.17 -21.19
CA SER B 93 10.31 -13.55 -21.58
C SER B 93 9.01 -14.04 -20.96
N VAL B 94 8.18 -14.70 -21.75
CA VAL B 94 6.91 -15.22 -21.27
C VAL B 94 7.06 -16.61 -20.68
N ARG B 95 6.28 -16.87 -19.63
CA ARG B 95 6.24 -18.14 -18.94
C ARG B 95 4.75 -18.43 -18.89
N THR B 96 4.37 -19.65 -19.24
CA THR B 96 2.97 -20.05 -19.25
C THR B 96 2.67 -21.15 -18.26
N LEU B 97 1.49 -21.06 -17.65
CA LEU B 97 1.03 -22.03 -16.67
C LEU B 97 -0.33 -22.52 -17.21
N LYS B 98 -0.41 -23.81 -17.48
CA LYS B 98 -1.62 -24.41 -18.00
C LYS B 98 -1.94 -25.70 -17.25
N LYS B 99 -3.20 -25.88 -16.90
CA LYS B 99 -3.63 -27.06 -16.17
C LYS B 99 -3.67 -28.26 -17.11
N LYS B 100 -2.98 -29.33 -16.73
CA LYS B 100 -2.93 -30.55 -17.53
C LYS B 100 -4.26 -31.30 -17.44
ZN ZN C . -17.02 -2.86 -9.38
CA CA D . -3.24 12.65 13.72
CA CA E . 0.96 14.99 11.44
CA CA F . 15.69 -1.94 12.17
CA CA G . 12.90 15.96 8.59
CA CA H . 19.52 -0.24 14.35
CA CA I . 17.06 17.64 9.37
CA CA J . 23.71 1.45 16.34
#